data_4MT9
#
_entry.id   4MT9
#
_cell.length_a   42.007
_cell.length_b   76.784
_cell.length_c   148.616
_cell.angle_alpha   90
_cell.angle_beta   90
_cell.angle_gamma   90
#
_symmetry.space_group_name_H-M   'P 21 21 21'
#
loop_
_entity.id
_entity.type
_entity.pdbx_description
1 polymer Tankyrase-1
2 non-polymer 'ZINC ION'
3 non-polymer N-[trans-4-(4-cyanophenoxy)cyclohexyl]-3-[(4-oxo-3,4-dihydroquinazolin-2-yl)sulfanyl]propanamide
4 water water
#
_entity_poly.entity_id   1
_entity_poly.type   'polypeptide(L)'
_entity_poly.pdbx_seq_one_letter_code
;QGTILLDLAPEDKEYQSVEEEMQSTIREHRDGGNAGGIFNRYNVIRIQKVVNKKLRERFCHRQKEVSEENHNHHNERMLF
HGSPFINAIIHKGFDERHAYIGGMFGAGIYFAENSSKSNQYVYGIGGGTGCPTHKDRSCYICHRQMLFCRVTLGKSFLQF
STMKMAHAPPGHHSVIGRPSVNGLAYAEYVIYRGEQAYPEYLITYQIMKPEHHHHHH
;
_entity_poly.pdbx_strand_id   A,B
#
loop_
_chem_comp.id
_chem_comp.type
_chem_comp.name
_chem_comp.formula
2D6 non-polymer N-[trans-4-(4-cyanophenoxy)cyclohexyl]-3-[(4-oxo-3,4-dihydroquinazolin-2-yl)sulfanyl]propanamide 'C24 H24 N4 O3 S'
ZN non-polymer 'ZINC ION' 'Zn 2'
#
# COMPACT_ATOMS: atom_id res chain seq x y z
N GLY A 2 30.42 -20.09 0.13
CA GLY A 2 29.89 -18.94 0.89
C GLY A 2 29.48 -17.80 -0.03
N THR A 3 29.87 -16.58 0.33
CA THR A 3 29.54 -15.40 -0.44
C THR A 3 30.75 -14.90 -1.25
N ILE A 4 30.48 -14.31 -2.41
CA ILE A 4 31.54 -13.76 -3.25
C ILE A 4 31.19 -12.31 -3.50
N LEU A 5 32.11 -11.41 -3.17
CA LEU A 5 31.87 -9.99 -3.39
C LEU A 5 32.56 -9.59 -4.69
N LEU A 6 31.79 -9.07 -5.64
CA LEU A 6 32.36 -8.64 -6.91
C LEU A 6 32.43 -7.13 -7.01
N ASP A 7 33.63 -6.60 -7.17
CA ASP A 7 33.83 -5.16 -7.28
C ASP A 7 33.34 -4.63 -8.60
N LEU A 8 32.55 -3.56 -8.56
CA LEU A 8 32.08 -2.95 -9.79
C LEU A 8 33.03 -1.78 -10.07
N ALA A 9 33.33 -1.58 -11.35
CA ALA A 9 34.21 -0.51 -11.77
C ALA A 9 33.37 0.74 -11.91
N PRO A 10 33.95 1.91 -11.55
CA PRO A 10 33.20 3.16 -11.66
C PRO A 10 32.72 3.49 -13.07
N GLU A 11 33.37 2.95 -14.10
CA GLU A 11 32.92 3.22 -15.46
C GLU A 11 31.75 2.34 -15.85
N ASP A 12 31.48 1.31 -15.05
CA ASP A 12 30.37 0.41 -15.32
C ASP A 12 29.07 1.14 -14.99
N LYS A 13 28.08 1.06 -15.88
CA LYS A 13 26.82 1.76 -15.64
C LYS A 13 26.05 1.22 -14.43
N GLU A 14 26.32 -0.02 -14.03
CA GLU A 14 25.62 -0.56 -12.86
C GLU A 14 26.15 0.19 -11.64
N TYR A 15 27.47 0.38 -11.59
CA TYR A 15 28.10 1.10 -10.50
C TYR A 15 27.48 2.50 -10.46
N GLN A 16 27.54 3.20 -11.58
CA GLN A 16 27.00 4.55 -11.67
C GLN A 16 25.52 4.59 -11.25
N SER A 17 24.77 3.58 -11.67
CA SER A 17 23.36 3.50 -11.33
C SER A 17 23.17 3.48 -9.82
N VAL A 18 23.88 2.57 -9.14
CA VAL A 18 23.76 2.46 -7.69
C VAL A 18 24.21 3.73 -6.97
N GLU A 19 25.35 4.29 -7.33
CA GLU A 19 25.79 5.51 -6.69
C GLU A 19 24.83 6.67 -6.89
N GLU A 20 24.21 6.77 -8.07
CA GLU A 20 23.28 7.88 -8.31
C GLU A 20 22.08 7.80 -7.39
N GLU A 21 21.53 6.60 -7.22
CA GLU A 21 20.37 6.39 -6.36
C GLU A 21 20.69 6.76 -4.93
N MET A 22 21.93 6.51 -4.53
CA MET A 22 22.37 6.81 -3.17
C MET A 22 22.57 8.32 -3.00
N GLN A 23 23.38 8.91 -3.88
CA GLN A 23 23.66 10.34 -3.81
C GLN A 23 22.39 11.18 -3.99
N SER A 24 21.48 10.72 -4.82
CA SER A 24 20.24 11.45 -5.09
C SER A 24 19.14 11.28 -4.06
N THR A 25 19.31 10.36 -3.11
CA THR A 25 18.26 10.19 -2.11
C THR A 25 18.68 10.69 -0.74
N ILE A 26 19.54 11.71 -0.74
CA ILE A 26 19.98 12.30 0.51
C ILE A 26 18.91 13.33 0.84
N ARG A 27 18.34 13.22 2.02
CA ARG A 27 17.26 14.13 2.37
C ARG A 27 17.50 14.87 3.67
N GLU A 28 16.64 15.84 3.94
CA GLU A 28 16.77 16.60 5.16
C GLU A 28 16.11 15.80 6.27
N HIS A 29 16.79 15.69 7.39
CA HIS A 29 16.26 14.96 8.51
C HIS A 29 16.09 15.94 9.64
N ARG A 30 14.93 15.91 10.26
CA ARG A 30 14.60 16.83 11.33
C ARG A 30 15.49 16.77 12.57
N ASP A 31 16.59 16.04 12.54
CA ASP A 31 17.41 15.96 13.75
C ASP A 31 18.69 16.77 13.71
N GLY A 32 18.77 17.69 12.76
CA GLY A 32 19.96 18.49 12.64
C GLY A 32 21.22 17.67 12.37
N GLY A 33 21.05 16.47 11.82
CA GLY A 33 22.19 15.62 11.51
C GLY A 33 22.79 14.90 12.72
N ASN A 34 22.07 14.89 13.83
CA ASN A 34 22.59 14.23 15.03
C ASN A 34 22.86 12.74 14.81
N ALA A 35 21.92 12.07 14.17
CA ALA A 35 22.04 10.63 13.93
C ALA A 35 23.03 10.21 12.87
N GLY A 36 22.91 10.76 11.67
CA GLY A 36 23.79 10.39 10.58
C GLY A 36 24.97 11.31 10.30
N GLY A 37 24.95 12.51 10.86
CA GLY A 37 26.03 13.46 10.62
C GLY A 37 25.61 14.58 9.70
N ILE A 38 26.51 15.53 9.49
CA ILE A 38 26.23 16.67 8.63
C ILE A 38 27.00 16.52 7.32
N PHE A 39 26.26 16.38 6.22
CA PHE A 39 26.87 16.23 4.92
C PHE A 39 25.86 16.54 3.82
N ASN A 40 26.36 16.86 2.64
CA ASN A 40 25.50 17.16 1.51
C ASN A 40 25.78 16.08 0.49
N ARG A 41 26.81 15.31 0.75
CA ARG A 41 27.24 14.32 -0.22
C ARG A 41 28.03 13.15 0.37
N TYR A 42 28.11 12.05 -0.38
CA TYR A 42 28.87 10.87 0.04
C TYR A 42 30.11 10.69 -0.82
N ASN A 43 31.12 10.04 -0.25
CA ASN A 43 32.29 9.70 -1.03
C ASN A 43 32.17 8.19 -1.16
N VAL A 44 31.59 7.76 -2.27
CA VAL A 44 31.42 6.34 -2.53
C VAL A 44 32.77 5.80 -2.95
N ILE A 45 33.36 4.95 -2.11
CA ILE A 45 34.68 4.42 -2.41
C ILE A 45 34.73 2.98 -2.87
N ARG A 46 33.58 2.32 -2.87
CA ARG A 46 33.52 0.93 -3.31
C ARG A 46 32.08 0.46 -3.39
N ILE A 47 31.80 -0.36 -4.37
CA ILE A 47 30.47 -0.92 -4.55
C ILE A 47 30.70 -2.35 -5.01
N GLN A 48 30.28 -3.30 -4.18
CA GLN A 48 30.47 -4.70 -4.47
C GLN A 48 29.16 -5.45 -4.65
N LYS A 49 29.14 -6.33 -5.63
CA LYS A 49 27.97 -7.14 -5.90
C LYS A 49 28.12 -8.36 -4.99
N VAL A 50 27.04 -8.71 -4.31
CA VAL A 50 27.08 -9.83 -3.38
C VAL A 50 26.53 -11.09 -4.07
N VAL A 51 27.41 -12.05 -4.29
CA VAL A 51 27.00 -13.29 -4.94
C VAL A 51 27.00 -14.45 -3.96
N ASN A 52 25.81 -15.01 -3.74
CA ASN A 52 25.63 -16.14 -2.83
C ASN A 52 24.46 -16.96 -3.40
N LYS A 53 24.77 -18.10 -4.02
CA LYS A 53 23.76 -18.95 -4.62
C LYS A 53 22.70 -19.44 -3.64
N LYS A 54 23.13 -19.92 -2.48
CA LYS A 54 22.22 -20.42 -1.46
C LYS A 54 21.23 -19.34 -1.07
N LEU A 55 21.73 -18.13 -0.87
CA LEU A 55 20.88 -17.02 -0.46
C LEU A 55 19.91 -16.60 -1.57
N ARG A 56 20.41 -16.47 -2.81
CA ARG A 56 19.54 -16.09 -3.92
C ARG A 56 18.43 -17.11 -4.13
N GLU A 57 18.71 -18.37 -3.86
CA GLU A 57 17.69 -19.42 -4.06
C GLU A 57 16.64 -19.41 -2.95
N ARG A 58 17.02 -19.03 -1.74
CA ARG A 58 16.03 -18.98 -0.66
C ARG A 58 15.12 -17.79 -0.98
N PHE A 59 15.76 -16.70 -1.37
CA PHE A 59 15.06 -15.47 -1.72
C PHE A 59 14.05 -15.73 -2.85
N CYS A 60 14.52 -16.36 -3.93
CA CYS A 60 13.64 -16.64 -5.05
C CYS A 60 12.50 -17.58 -4.69
N HIS A 61 12.77 -18.59 -3.85
CA HIS A 61 11.72 -19.52 -3.46
C HIS A 61 10.64 -18.81 -2.66
N ARG A 62 11.04 -17.92 -1.76
CA ARG A 62 10.09 -17.17 -0.96
C ARG A 62 9.32 -16.20 -1.84
N GLN A 63 10.01 -15.62 -2.81
CA GLN A 63 9.37 -14.69 -3.73
C GLN A 63 8.24 -15.44 -4.45
N LYS A 64 8.43 -16.72 -4.70
CA LYS A 64 7.41 -17.50 -5.38
C LYS A 64 6.17 -17.71 -4.50
N GLU A 65 6.36 -18.02 -3.22
CA GLU A 65 5.21 -18.21 -2.33
C GLU A 65 4.44 -16.90 -2.20
N VAL A 66 5.18 -15.81 -2.00
CA VAL A 66 4.55 -14.51 -1.85
C VAL A 66 3.71 -14.21 -3.09
N SER A 67 4.25 -14.55 -4.27
CA SER A 67 3.54 -14.34 -5.51
C SER A 67 2.19 -15.06 -5.52
N GLU A 68 2.22 -16.33 -5.14
CA GLU A 68 1.01 -17.16 -5.11
C GLU A 68 -0.10 -16.47 -4.31
N GLU A 69 0.31 -15.74 -3.28
CA GLU A 69 -0.56 -15.03 -2.36
C GLU A 69 -0.86 -13.59 -2.73
N ASN A 70 -0.29 -13.10 -3.81
CA ASN A 70 -0.52 -11.71 -4.14
C ASN A 70 -0.92 -11.57 -5.59
N HIS A 71 -1.67 -12.55 -6.08
CA HIS A 71 -2.19 -12.55 -7.44
C HIS A 71 -1.08 -12.49 -8.46
N ASN A 72 -0.08 -13.34 -8.22
CA ASN A 72 1.08 -13.48 -9.08
C ASN A 72 1.98 -12.27 -9.23
N HIS A 73 2.02 -11.41 -8.22
CA HIS A 73 2.92 -10.26 -8.24
C HIS A 73 3.77 -10.40 -6.99
N HIS A 74 5.09 -10.47 -7.13
CA HIS A 74 5.89 -10.56 -5.91
C HIS A 74 6.19 -9.19 -5.38
N ASN A 75 6.11 -8.20 -6.26
CA ASN A 75 6.29 -6.80 -5.86
C ASN A 75 7.67 -6.54 -5.25
N GLU A 76 8.71 -6.62 -6.08
CA GLU A 76 10.08 -6.42 -5.62
C GLU A 76 10.42 -4.93 -5.64
N ARG A 77 11.23 -4.49 -4.68
CA ARG A 77 11.58 -3.09 -4.64
C ARG A 77 13.01 -2.98 -4.15
N MET A 78 13.77 -2.07 -4.77
CA MET A 78 15.16 -1.85 -4.41
C MET A 78 15.18 -0.80 -3.30
N LEU A 79 15.61 -1.21 -2.11
CA LEU A 79 15.65 -0.30 -0.96
C LEU A 79 16.96 -0.39 -0.18
N PHE A 80 17.24 0.65 0.59
CA PHE A 80 18.45 0.73 1.39
C PHE A 80 18.26 0.20 2.81
N HIS A 81 19.34 -0.35 3.35
CA HIS A 81 19.34 -0.84 4.72
C HIS A 81 20.70 -0.52 5.32
N GLY A 82 20.68 -0.03 6.56
CA GLY A 82 21.91 0.29 7.24
C GLY A 82 21.84 -0.24 8.66
N SER A 83 22.92 -0.84 9.14
CA SER A 83 22.98 -1.39 10.50
C SER A 83 24.37 -1.95 10.76
N PRO A 84 24.73 -2.13 12.04
CA PRO A 84 26.04 -2.66 12.42
C PRO A 84 26.29 -4.13 12.06
N PHE A 85 25.33 -4.77 11.40
CA PHE A 85 25.48 -6.19 11.10
C PHE A 85 25.64 -6.55 9.62
N ILE A 86 26.16 -5.60 8.83
CA ILE A 86 26.33 -5.81 7.41
C ILE A 86 27.13 -7.07 7.07
N ASN A 87 28.25 -7.28 7.74
CA ASN A 87 29.08 -8.44 7.45
C ASN A 87 28.36 -9.76 7.73
N ALA A 88 27.49 -9.78 8.72
CA ALA A 88 26.75 -10.99 9.02
C ALA A 88 25.70 -11.20 7.93
N ILE A 89 25.02 -10.12 7.57
CA ILE A 89 23.97 -10.14 6.55
C ILE A 89 24.47 -10.62 5.19
N ILE A 90 25.60 -10.08 4.74
CA ILE A 90 26.11 -10.48 3.44
C ILE A 90 26.58 -11.93 3.38
N HIS A 91 26.88 -12.52 4.53
CA HIS A 91 27.31 -13.93 4.54
C HIS A 91 26.21 -14.90 4.93
N LYS A 92 25.36 -14.49 5.86
CA LYS A 92 24.28 -15.34 6.36
C LYS A 92 22.89 -14.91 5.88
N GLY A 93 22.80 -13.71 5.33
CA GLY A 93 21.53 -13.19 4.85
C GLY A 93 20.81 -12.51 6.00
N PHE A 94 19.71 -11.82 5.72
CA PHE A 94 18.94 -11.16 6.78
C PHE A 94 18.29 -12.25 7.59
N ASP A 95 18.15 -12.04 8.90
CA ASP A 95 17.56 -13.03 9.80
C ASP A 95 16.60 -12.37 10.79
N GLU A 96 15.31 -12.65 10.66
CA GLU A 96 14.33 -12.06 11.57
C GLU A 96 14.55 -12.41 13.04
N ARG A 97 15.27 -13.49 13.30
CA ARG A 97 15.53 -13.89 14.67
C ARG A 97 16.34 -12.85 15.45
N HIS A 98 16.98 -11.91 14.74
CA HIS A 98 17.73 -10.87 15.41
C HIS A 98 16.94 -9.58 15.46
N ALA A 99 15.66 -9.67 15.11
CA ALA A 99 14.79 -8.50 15.14
C ALA A 99 13.88 -8.62 16.37
N TYR A 100 13.84 -7.60 17.21
CA TYR A 100 13.01 -7.63 18.40
C TYR A 100 12.07 -6.42 18.56
N ILE A 101 10.91 -6.66 19.15
CA ILE A 101 9.93 -5.59 19.39
C ILE A 101 10.53 -4.71 20.47
N GLY A 102 10.62 -3.40 20.21
CA GLY A 102 11.17 -2.53 21.23
C GLY A 102 11.43 -1.14 20.72
N GLY A 103 11.21 -0.13 21.56
CA GLY A 103 11.42 1.23 21.12
C GLY A 103 10.47 1.60 20.02
N MET A 104 11.01 2.07 18.90
CA MET A 104 10.17 2.46 17.76
C MET A 104 10.14 1.37 16.71
N PHE A 105 10.65 0.19 17.03
CA PHE A 105 10.74 -0.91 16.07
C PHE A 105 9.98 -2.20 16.38
N GLY A 106 9.36 -2.77 15.35
CA GLY A 106 8.65 -4.03 15.52
C GLY A 106 9.69 -5.13 15.31
N ALA A 107 9.28 -6.39 15.41
CA ALA A 107 10.23 -7.47 15.24
C ALA A 107 10.46 -7.80 13.75
N GLY A 108 10.82 -6.77 12.97
CA GLY A 108 11.06 -6.98 11.57
C GLY A 108 12.34 -6.30 11.09
N ILE A 109 12.63 -6.44 9.79
CA ILE A 109 13.83 -5.84 9.20
C ILE A 109 13.36 -4.62 8.41
N TYR A 110 13.90 -3.46 8.74
CA TYR A 110 13.50 -2.20 8.11
C TYR A 110 14.34 -1.76 6.91
N PHE A 111 13.67 -1.08 5.97
CA PHE A 111 14.33 -0.59 4.77
C PHE A 111 13.83 0.82 4.46
N ALA A 112 14.60 1.58 3.67
CA ALA A 112 14.22 2.94 3.30
C ALA A 112 14.54 3.23 1.85
N GLU A 113 13.76 4.09 1.21
CA GLU A 113 14.11 4.40 -0.17
C GLU A 113 15.18 5.48 -0.22
N ASN A 114 15.38 6.19 0.89
CA ASN A 114 16.40 7.24 0.98
C ASN A 114 17.67 6.75 1.71
N SER A 115 18.80 6.87 1.04
CA SER A 115 20.08 6.44 1.60
C SER A 115 20.43 7.14 2.92
N SER A 116 20.15 8.44 3.01
CA SER A 116 20.46 9.19 4.22
C SER A 116 19.67 8.71 5.44
N LYS A 117 18.52 8.08 5.20
CA LYS A 117 17.74 7.54 6.30
C LYS A 117 18.49 6.33 6.84
N SER A 118 18.87 5.42 5.95
CA SER A 118 19.61 4.23 6.32
C SER A 118 20.96 4.60 6.94
N ASN A 119 21.53 5.71 6.49
CA ASN A 119 22.81 6.16 7.03
C ASN A 119 22.72 6.40 8.54
N GLN A 120 21.55 6.84 9.00
CA GLN A 120 21.35 7.11 10.42
C GLN A 120 21.47 5.86 11.29
N TYR A 121 21.34 4.68 10.69
CA TYR A 121 21.38 3.44 11.45
C TYR A 121 22.66 2.65 11.29
N VAL A 122 23.55 3.14 10.45
CA VAL A 122 24.82 2.48 10.21
C VAL A 122 25.55 2.12 11.50
N TYR A 123 25.55 3.02 12.47
CA TYR A 123 26.21 2.72 13.74
C TYR A 123 25.24 2.39 14.86
N GLY A 124 23.99 2.08 14.50
CA GLY A 124 22.99 1.73 15.49
C GLY A 124 21.81 2.69 15.52
N ILE A 125 20.80 2.34 16.33
CA ILE A 125 19.60 3.16 16.44
C ILE A 125 19.98 4.60 16.78
N GLY A 126 19.52 5.55 15.96
CA GLY A 126 19.83 6.95 16.19
C GLY A 126 21.31 7.23 16.03
N GLY A 127 22.02 6.31 15.37
CA GLY A 127 23.45 6.48 15.17
C GLY A 127 24.30 5.92 16.30
N GLY A 128 23.66 5.47 17.38
CA GLY A 128 24.40 4.92 18.49
C GLY A 128 25.42 5.90 19.02
N THR A 129 26.62 5.43 19.32
CA THR A 129 27.70 6.29 19.83
C THR A 129 28.67 6.74 18.72
N GLY A 130 28.27 6.57 17.46
CA GLY A 130 29.12 6.98 16.36
C GLY A 130 30.11 5.90 15.98
N CYS A 131 31.09 6.25 15.15
CA CYS A 131 32.09 5.29 14.71
C CYS A 131 32.83 4.67 15.90
N PRO A 132 33.32 3.43 15.73
CA PRO A 132 34.05 2.75 16.79
C PRO A 132 35.30 3.50 17.28
N THR A 133 36.09 4.02 16.35
CA THR A 133 37.34 4.70 16.72
C THR A 133 37.25 6.06 17.36
N HIS A 134 36.41 6.93 16.82
CA HIS A 134 36.30 8.27 17.35
C HIS A 134 34.98 8.56 18.07
N LYS A 135 34.09 7.57 18.11
CA LYS A 135 32.78 7.73 18.75
C LYS A 135 32.12 9.01 18.25
N ASP A 136 32.22 9.18 16.92
CA ASP A 136 31.69 10.35 16.22
C ASP A 136 30.61 9.92 15.22
N ARG A 137 29.36 10.33 15.45
CA ARG A 137 28.27 9.96 14.54
C ARG A 137 28.43 10.69 13.20
N SER A 138 29.17 11.78 13.19
CA SER A 138 29.40 12.54 11.96
C SER A 138 30.85 12.40 11.50
N CYS A 139 31.48 11.29 11.86
CA CYS A 139 32.85 11.06 11.46
C CYS A 139 33.01 11.08 9.95
N TYR A 140 34.01 11.80 9.47
CA TYR A 140 34.29 11.91 8.04
C TYR A 140 35.52 11.07 7.70
N ILE A 141 36.08 10.43 8.71
CA ILE A 141 37.26 9.61 8.52
C ILE A 141 36.90 8.16 8.24
N CYS A 142 36.18 7.54 9.18
CA CYS A 142 35.81 6.13 9.08
C CYS A 142 34.86 5.77 7.94
N HIS A 143 35.12 4.62 7.34
CA HIS A 143 34.34 4.11 6.21
C HIS A 143 33.05 3.43 6.69
N ARG A 144 31.93 3.82 6.10
CA ARG A 144 30.64 3.25 6.45
C ARG A 144 30.19 2.28 5.36
N GLN A 145 29.23 1.45 5.70
CA GLN A 145 28.71 0.50 4.72
C GLN A 145 27.19 0.37 4.84
N MET A 146 26.53 0.31 3.69
CA MET A 146 25.10 0.09 3.68
C MET A 146 24.80 -0.80 2.49
N LEU A 147 23.62 -1.41 2.53
CA LEU A 147 23.21 -2.32 1.48
C LEU A 147 22.02 -1.77 0.68
N PHE A 148 22.08 -1.97 -0.64
CA PHE A 148 21.00 -1.58 -1.55
C PHE A 148 20.49 -2.98 -1.86
N CYS A 149 19.31 -3.30 -1.35
CA CYS A 149 18.76 -4.64 -1.48
C CYS A 149 17.52 -4.86 -2.33
N ARG A 150 17.31 -6.13 -2.69
CA ARG A 150 16.13 -6.55 -3.43
C ARG A 150 15.18 -6.96 -2.29
N VAL A 151 14.05 -6.29 -2.19
CA VAL A 151 13.09 -6.59 -1.15
C VAL A 151 11.75 -7.04 -1.72
N THR A 152 11.33 -8.23 -1.32
CA THR A 152 10.05 -8.79 -1.74
C THR A 152 8.97 -8.28 -0.79
N LEU A 153 8.16 -7.34 -1.24
CA LEU A 153 7.11 -6.78 -0.39
C LEU A 153 5.78 -7.50 -0.50
N GLY A 154 5.53 -8.17 -1.63
CA GLY A 154 4.27 -8.85 -1.80
C GLY A 154 3.12 -7.92 -1.49
N LYS A 155 2.14 -8.39 -0.72
CA LYS A 155 1.01 -7.56 -0.36
C LYS A 155 1.38 -6.83 0.93
N SER A 156 1.53 -5.51 0.84
CA SER A 156 1.92 -4.67 1.97
C SER A 156 0.73 -4.13 2.75
N PHE A 157 0.88 -4.05 4.07
CA PHE A 157 -0.15 -3.49 4.92
C PHE A 157 0.32 -2.11 5.37
N LEU A 158 -0.51 -1.11 5.10
CA LEU A 158 -0.19 0.28 5.45
C LEU A 158 -0.69 0.69 6.82
N GLN A 159 0.18 1.36 7.58
CA GLN A 159 -0.17 1.86 8.90
C GLN A 159 0.76 3.01 9.31
N PHE A 160 0.43 3.69 10.39
CA PHE A 160 1.22 4.84 10.85
C PHE A 160 2.35 4.53 11.81
N SER A 161 2.21 3.43 12.55
CA SER A 161 3.21 2.99 13.51
C SER A 161 3.45 1.51 13.25
N THR A 162 4.67 1.07 13.50
CA THR A 162 5.03 -0.34 13.28
C THR A 162 5.78 -0.89 14.49
N MET A 163 5.79 -0.14 15.58
CA MET A 163 6.53 -0.54 16.78
C MET A 163 6.16 -1.81 17.53
N LYS A 164 4.94 -2.29 17.38
CA LYS A 164 4.54 -3.50 18.11
C LYS A 164 4.14 -4.69 17.23
N MET A 165 4.71 -4.77 16.03
CA MET A 165 4.43 -5.86 15.12
C MET A 165 5.41 -7.01 15.33
N ALA A 166 4.94 -8.24 15.20
CA ALA A 166 5.77 -9.41 15.36
C ALA A 166 5.82 -10.15 14.01
N HIS A 167 4.77 -9.99 13.21
CA HIS A 167 4.63 -10.61 11.89
C HIS A 167 3.74 -9.72 11.01
N ALA A 168 3.74 -9.94 9.70
CA ALA A 168 2.87 -9.13 8.84
C ALA A 168 1.44 -9.55 9.17
N PRO A 169 0.47 -8.64 8.98
CA PRO A 169 -0.92 -9.02 9.26
C PRO A 169 -1.35 -10.20 8.38
N PRO A 170 -2.39 -10.94 8.80
CA PRO A 170 -2.86 -12.08 8.01
C PRO A 170 -3.10 -11.67 6.55
N GLY A 171 -2.72 -12.54 5.62
CA GLY A 171 -2.92 -12.25 4.20
C GLY A 171 -1.91 -11.30 3.58
N HIS A 172 -1.03 -10.73 4.41
CA HIS A 172 -0.02 -9.80 3.91
C HIS A 172 1.40 -10.34 4.06
N HIS A 173 2.36 -9.66 3.43
CA HIS A 173 3.74 -10.12 3.48
C HIS A 173 4.72 -9.04 3.92
N SER A 174 4.23 -7.81 4.05
CA SER A 174 5.09 -6.72 4.49
C SER A 174 4.24 -5.63 5.10
N VAL A 175 4.90 -4.69 5.76
CA VAL A 175 4.23 -3.58 6.39
C VAL A 175 4.98 -2.30 6.07
N ILE A 176 4.25 -1.26 5.69
CA ILE A 176 4.86 0.01 5.38
C ILE A 176 4.33 1.06 6.33
N GLY A 177 5.23 1.61 7.14
CA GLY A 177 4.84 2.67 8.06
C GLY A 177 4.78 3.90 7.18
N ARG A 178 3.60 4.49 7.09
CA ARG A 178 3.43 5.68 6.24
C ARG A 178 3.48 6.95 7.09
N PRO A 179 3.87 8.07 6.47
CA PRO A 179 3.99 9.39 7.09
C PRO A 179 2.72 9.86 7.80
N SER A 180 2.91 10.69 8.82
CA SER A 180 1.81 11.25 9.60
C SER A 180 2.35 12.43 10.42
N VAL A 181 1.51 13.43 10.66
CA VAL A 181 1.95 14.60 11.42
C VAL A 181 2.65 14.35 12.73
N ASN A 182 2.07 13.48 13.55
CA ASN A 182 2.70 13.18 14.83
C ASN A 182 3.47 11.87 14.75
N GLY A 183 3.86 11.49 13.53
CA GLY A 183 4.57 10.24 13.34
C GLY A 183 5.79 10.29 12.42
N LEU A 184 5.87 9.33 11.51
CA LEU A 184 7.00 9.22 10.59
C LEU A 184 7.08 10.36 9.58
N ALA A 185 8.30 10.71 9.20
CA ALA A 185 8.53 11.76 8.20
C ALA A 185 8.58 11.13 6.83
N TYR A 186 9.13 9.92 6.77
CA TYR A 186 9.27 9.16 5.53
C TYR A 186 8.74 7.74 5.74
N ALA A 187 8.33 7.10 4.66
CA ALA A 187 7.82 5.74 4.75
C ALA A 187 8.93 4.77 5.10
N GLU A 188 8.60 3.73 5.86
CA GLU A 188 9.57 2.70 6.20
C GLU A 188 8.98 1.34 5.85
N TYR A 189 9.75 0.55 5.12
CA TYR A 189 9.34 -0.78 4.65
C TYR A 189 9.87 -1.88 5.57
N VAL A 190 8.96 -2.72 6.08
CA VAL A 190 9.34 -3.78 7.01
C VAL A 190 8.95 -5.19 6.58
N ILE A 191 9.90 -6.11 6.68
CA ILE A 191 9.62 -7.51 6.38
C ILE A 191 9.87 -8.29 7.68
N TYR A 192 9.19 -9.42 7.84
CA TYR A 192 9.30 -10.21 9.05
C TYR A 192 9.89 -11.60 8.80
N ARG A 193 10.42 -11.78 7.59
CA ARG A 193 11.07 -13.02 7.19
C ARG A 193 12.37 -12.62 6.48
N GLY A 194 13.50 -13.05 7.02
CA GLY A 194 14.79 -12.72 6.45
C GLY A 194 14.93 -13.00 4.97
N GLU A 195 14.30 -14.07 4.49
CA GLU A 195 14.39 -14.43 3.08
C GLU A 195 13.62 -13.52 2.11
N GLN A 196 12.99 -12.48 2.63
CA GLN A 196 12.26 -11.56 1.75
C GLN A 196 13.15 -10.40 1.33
N ALA A 197 14.44 -10.51 1.61
CA ALA A 197 15.37 -9.47 1.21
C ALA A 197 16.69 -10.07 0.77
N TYR A 198 17.21 -9.59 -0.35
CA TYR A 198 18.51 -10.05 -0.84
C TYR A 198 19.46 -8.86 -0.86
N PRO A 199 20.61 -8.96 -0.19
CA PRO A 199 21.59 -7.86 -0.15
C PRO A 199 22.36 -7.73 -1.46
N GLU A 200 21.70 -7.20 -2.50
CA GLU A 200 22.31 -7.04 -3.81
C GLU A 200 23.65 -6.33 -3.83
N TYR A 201 23.68 -5.14 -3.26
CA TYR A 201 24.87 -4.32 -3.27
C TYR A 201 25.43 -3.92 -1.92
N LEU A 202 26.74 -4.00 -1.81
CA LEU A 202 27.43 -3.61 -0.60
C LEU A 202 28.16 -2.31 -0.95
N ILE A 203 27.72 -1.23 -0.35
CA ILE A 203 28.28 0.09 -0.60
C ILE A 203 29.19 0.54 0.53
N THR A 204 30.44 0.84 0.20
CA THR A 204 31.39 1.32 1.19
C THR A 204 31.56 2.79 0.86
N TYR A 205 31.40 3.65 1.87
CA TYR A 205 31.48 5.08 1.65
C TYR A 205 31.81 5.85 2.93
N GLN A 206 31.89 7.16 2.76
CA GLN A 206 32.14 8.08 3.87
C GLN A 206 31.21 9.23 3.60
N ILE A 207 30.75 9.90 4.65
CA ILE A 207 29.92 11.08 4.39
C ILE A 207 31.00 12.14 4.20
N MET A 208 30.71 13.17 3.42
CA MET A 208 31.69 14.21 3.20
C MET A 208 31.29 15.47 3.93
N LYS A 209 32.27 16.22 4.41
CA LYS A 209 31.96 17.45 5.10
C LYS A 209 31.43 18.44 4.09
N PRO A 210 30.60 19.39 4.54
CA PRO A 210 30.06 20.38 3.63
C PRO A 210 31.18 21.35 3.28
N GLU A 211 31.20 21.86 2.07
CA GLU A 211 32.26 22.79 1.73
C GLU A 211 31.72 24.23 1.73
N GLY B 2 -23.95 1.38 -25.97
CA GLY B 2 -24.33 1.80 -24.60
C GLY B 2 -23.97 0.74 -23.57
N THR B 3 -24.78 0.62 -22.55
CA THR B 3 -24.51 -0.38 -21.54
C THR B 3 -25.48 -1.53 -21.72
N ILE B 4 -25.04 -2.73 -21.40
CA ILE B 4 -25.88 -3.91 -21.48
C ILE B 4 -25.68 -4.64 -20.16
N LEU B 5 -26.78 -5.07 -19.56
CA LEU B 5 -26.68 -5.80 -18.30
C LEU B 5 -26.87 -7.28 -18.57
N LEU B 6 -25.93 -8.09 -18.08
CA LEU B 6 -26.01 -9.54 -18.27
C LEU B 6 -26.35 -10.22 -16.96
N ASP B 7 -27.52 -10.85 -16.93
CA ASP B 7 -27.99 -11.57 -15.75
C ASP B 7 -27.11 -12.78 -15.45
N LEU B 8 -26.62 -12.87 -14.22
CA LEU B 8 -25.83 -14.04 -13.83
C LEU B 8 -26.83 -15.00 -13.19
N ALA B 9 -26.62 -16.29 -13.36
CA ALA B 9 -27.53 -17.28 -12.79
C ALA B 9 -27.02 -17.72 -11.43
N PRO B 10 -27.94 -18.02 -10.49
CA PRO B 10 -27.55 -18.44 -9.14
C PRO B 10 -26.65 -19.68 -9.10
N GLU B 11 -26.81 -20.60 -10.05
CA GLU B 11 -25.99 -21.78 -10.05
C GLU B 11 -24.57 -21.52 -10.58
N ASP B 12 -24.37 -20.33 -11.12
CA ASP B 12 -23.08 -19.91 -11.67
C ASP B 12 -22.08 -19.56 -10.54
N LYS B 13 -20.83 -19.99 -10.68
CA LYS B 13 -19.81 -19.73 -9.66
C LYS B 13 -19.52 -18.23 -9.46
N GLU B 14 -19.66 -17.46 -10.53
CA GLU B 14 -19.42 -16.02 -10.45
C GLU B 14 -20.50 -15.32 -9.63
N TYR B 15 -21.74 -15.72 -9.83
CA TYR B 15 -22.86 -15.14 -9.07
C TYR B 15 -22.56 -15.43 -7.60
N GLN B 16 -22.32 -16.71 -7.32
CA GLN B 16 -22.02 -17.16 -5.96
C GLN B 16 -20.86 -16.44 -5.31
N SER B 17 -19.78 -16.27 -6.05
CA SER B 17 -18.60 -15.59 -5.54
C SER B 17 -18.95 -14.15 -5.15
N VAL B 18 -19.79 -13.50 -5.94
CA VAL B 18 -20.20 -12.13 -5.66
C VAL B 18 -21.10 -12.05 -4.43
N GLU B 19 -22.07 -12.95 -4.31
CA GLU B 19 -22.94 -12.92 -3.14
C GLU B 19 -22.18 -13.20 -1.86
N GLU B 20 -21.24 -14.13 -1.90
CA GLU B 20 -20.47 -14.46 -0.70
C GLU B 20 -19.65 -13.27 -0.22
N GLU B 21 -19.10 -12.48 -1.14
CA GLU B 21 -18.32 -11.30 -0.75
C GLU B 21 -19.25 -10.26 -0.14
N MET B 22 -20.47 -10.20 -0.64
CA MET B 22 -21.43 -9.24 -0.12
C MET B 22 -21.96 -9.63 1.26
N GLN B 23 -22.30 -10.91 1.41
CA GLN B 23 -22.82 -11.40 2.67
C GLN B 23 -21.74 -11.47 3.76
N SER B 24 -20.56 -11.96 3.40
CA SER B 24 -19.47 -12.11 4.35
C SER B 24 -18.88 -10.79 4.85
N THR B 25 -19.03 -9.71 4.09
CA THR B 25 -18.46 -8.45 4.52
C THR B 25 -19.43 -7.57 5.29
N ILE B 26 -20.52 -8.17 5.75
CA ILE B 26 -21.50 -7.45 6.56
C ILE B 26 -20.88 -7.32 7.94
N ARG B 27 -20.92 -6.12 8.51
CA ARG B 27 -20.36 -5.91 9.84
C ARG B 27 -21.24 -5.01 10.71
N GLU B 28 -20.92 -4.93 12.00
CA GLU B 28 -21.67 -4.08 12.91
C GLU B 28 -21.15 -2.67 12.79
N HIS B 29 -22.06 -1.70 12.78
CA HIS B 29 -21.68 -0.30 12.66
C HIS B 29 -22.05 0.48 13.90
N ARG B 30 -21.24 1.48 14.23
CA ARG B 30 -21.46 2.33 15.41
C ARG B 30 -22.78 3.08 15.30
N ASP B 31 -23.52 2.78 14.24
CA ASP B 31 -24.79 3.43 13.95
C ASP B 31 -25.97 2.80 14.68
N GLY B 32 -25.81 1.55 15.08
CA GLY B 32 -26.91 0.87 15.71
C GLY B 32 -27.77 0.39 14.55
N GLY B 33 -27.46 0.88 13.36
CA GLY B 33 -28.18 0.50 12.15
C GLY B 33 -29.06 1.63 11.67
N ASN B 34 -28.81 2.82 12.20
CA ASN B 34 -29.57 4.00 11.85
C ASN B 34 -29.53 4.40 10.37
N ALA B 35 -28.34 4.33 9.76
CA ALA B 35 -28.19 4.72 8.36
C ALA B 35 -28.64 3.67 7.34
N GLY B 36 -28.14 2.45 7.47
CA GLY B 36 -28.48 1.41 6.52
C GLY B 36 -29.56 0.43 6.95
N GLY B 37 -30.01 0.53 8.20
CA GLY B 37 -31.04 -0.37 8.69
C GLY B 37 -30.52 -1.47 9.59
N ILE B 38 -31.44 -2.23 10.18
CA ILE B 38 -31.09 -3.34 11.08
C ILE B 38 -31.28 -4.67 10.37
N PHE B 39 -30.18 -5.41 10.23
CA PHE B 39 -30.21 -6.70 9.55
C PHE B 39 -28.95 -7.51 9.83
N ASN B 40 -29.03 -8.82 9.61
CA ASN B 40 -27.88 -9.68 9.78
C ASN B 40 -27.51 -10.29 8.42
N ARG B 41 -28.43 -10.20 7.46
CA ARG B 41 -28.16 -10.76 6.13
C ARG B 41 -28.91 -10.06 5.02
N TYR B 42 -28.55 -10.38 3.78
CA TYR B 42 -29.20 -9.81 2.62
C TYR B 42 -29.97 -10.87 1.86
N ASN B 43 -30.96 -10.43 1.10
CA ASN B 43 -31.67 -11.33 0.23
C ASN B 43 -31.22 -10.78 -1.11
N VAL B 44 -30.24 -11.43 -1.72
CA VAL B 44 -29.72 -10.99 -3.01
C VAL B 44 -30.62 -11.62 -4.05
N ILE B 45 -31.37 -10.76 -4.74
CA ILE B 45 -32.33 -11.20 -5.75
C ILE B 45 -31.90 -11.03 -7.18
N ARG B 46 -30.72 -10.43 -7.40
CA ARG B 46 -30.27 -10.25 -8.77
C ARG B 46 -28.86 -9.71 -8.89
N ILE B 47 -28.07 -10.33 -9.76
CA ILE B 47 -26.70 -9.90 -10.01
C ILE B 47 -26.47 -9.84 -11.51
N GLN B 48 -26.21 -8.64 -12.02
CA GLN B 48 -25.98 -8.42 -13.44
C GLN B 48 -24.59 -7.86 -13.72
N LYS B 49 -23.96 -8.37 -14.77
CA LYS B 49 -22.65 -7.92 -15.20
C LYS B 49 -22.91 -6.69 -16.05
N VAL B 50 -22.18 -5.61 -15.77
CA VAL B 50 -22.34 -4.38 -16.53
C VAL B 50 -21.38 -4.39 -17.71
N VAL B 51 -21.93 -4.27 -18.91
CA VAL B 51 -21.11 -4.29 -20.12
C VAL B 51 -21.22 -2.97 -20.91
N ASN B 52 -20.08 -2.29 -21.02
CA ASN B 52 -19.98 -1.01 -21.73
C ASN B 52 -18.53 -0.90 -22.18
N LYS B 53 -18.31 -1.21 -23.46
CA LYS B 53 -16.98 -1.20 -24.07
C LYS B 53 -16.23 0.10 -23.97
N LYS B 54 -16.90 1.20 -24.29
CA LYS B 54 -16.28 2.53 -24.22
C LYS B 54 -15.86 2.84 -22.78
N LEU B 55 -16.65 2.35 -21.83
CA LEU B 55 -16.38 2.55 -20.40
C LEU B 55 -15.16 1.75 -20.00
N ARG B 56 -15.14 0.51 -20.45
CA ARG B 56 -14.05 -0.39 -20.15
C ARG B 56 -12.78 0.17 -20.78
N GLU B 57 -12.92 0.76 -21.96
CA GLU B 57 -11.77 1.34 -22.66
C GLU B 57 -11.07 2.38 -21.81
N ARG B 58 -11.83 3.36 -21.32
CA ARG B 58 -11.27 4.41 -20.46
C ARG B 58 -10.62 3.82 -19.22
N PHE B 59 -11.33 2.89 -18.59
CA PHE B 59 -10.85 2.24 -17.38
C PHE B 59 -9.50 1.60 -17.65
N CYS B 60 -9.43 0.80 -18.70
CA CYS B 60 -8.20 0.10 -19.06
C CYS B 60 -7.09 1.09 -19.46
N HIS B 61 -7.43 2.12 -20.22
CA HIS B 61 -6.42 3.09 -20.62
C HIS B 61 -5.80 3.74 -19.38
N ARG B 62 -6.66 4.17 -18.46
CA ARG B 62 -6.17 4.81 -17.24
C ARG B 62 -5.39 3.83 -16.35
N GLN B 63 -5.83 2.57 -16.31
CA GLN B 63 -5.15 1.58 -15.49
C GLN B 63 -3.70 1.42 -15.92
N LYS B 64 -3.45 1.46 -17.22
CA LYS B 64 -2.08 1.32 -17.72
C LYS B 64 -1.26 2.51 -17.27
N GLU B 65 -1.86 3.69 -17.33
CA GLU B 65 -1.16 4.92 -16.91
C GLU B 65 -0.73 4.84 -15.46
N VAL B 66 -1.59 4.28 -14.62
CA VAL B 66 -1.26 4.17 -13.20
C VAL B 66 -0.16 3.14 -12.96
N SER B 67 -0.21 2.03 -13.68
CA SER B 67 0.80 0.98 -13.53
C SER B 67 2.18 1.56 -13.80
N GLU B 68 2.31 2.27 -14.92
CA GLU B 68 3.57 2.86 -15.28
C GLU B 68 4.12 3.82 -14.24
N GLU B 69 3.23 4.52 -13.53
CA GLU B 69 3.68 5.45 -12.50
C GLU B 69 3.91 4.76 -11.16
N ASN B 70 3.48 3.51 -11.04
CA ASN B 70 3.60 2.79 -9.80
C ASN B 70 4.29 1.43 -9.89
N HIS B 71 5.57 1.46 -10.25
CA HIS B 71 6.37 0.26 -10.36
C HIS B 71 5.65 -0.89 -11.04
N ASN B 72 4.84 -0.55 -12.03
CA ASN B 72 4.09 -1.53 -12.80
C ASN B 72 2.99 -2.28 -12.06
N HIS B 73 2.44 -1.66 -11.02
CA HIS B 73 1.36 -2.29 -10.26
C HIS B 73 0.14 -1.38 -10.22
N HIS B 74 -0.87 -1.72 -11.00
CA HIS B 74 -2.07 -0.89 -10.99
C HIS B 74 -2.85 -1.04 -9.68
N ASN B 75 -2.58 -2.13 -8.95
CA ASN B 75 -3.25 -2.39 -7.66
C ASN B 75 -4.77 -2.35 -7.66
N GLU B 76 -5.38 -3.14 -8.53
CA GLU B 76 -6.84 -3.18 -8.59
C GLU B 76 -7.43 -3.93 -7.38
N ARG B 77 -8.47 -3.36 -6.79
CA ARG B 77 -9.17 -3.97 -5.66
C ARG B 77 -10.64 -4.01 -6.00
N MET B 78 -11.31 -5.10 -5.66
CA MET B 78 -12.74 -5.21 -5.91
C MET B 78 -13.40 -4.57 -4.69
N LEU B 79 -14.17 -3.49 -4.88
CA LEU B 79 -14.81 -2.80 -3.77
C LEU B 79 -16.26 -2.43 -4.04
N PHE B 80 -17.03 -2.26 -2.98
CA PHE B 80 -18.44 -1.89 -3.10
C PHE B 80 -18.64 -0.39 -3.07
N HIS B 81 -19.70 0.04 -3.75
CA HIS B 81 -20.09 1.44 -3.79
C HIS B 81 -21.61 1.49 -3.81
N GLY B 82 -22.16 2.32 -2.94
CA GLY B 82 -23.60 2.49 -2.89
C GLY B 82 -23.90 3.98 -2.89
N SER B 83 -24.83 4.40 -3.73
CA SER B 83 -25.24 5.79 -3.81
C SER B 83 -26.53 5.87 -4.62
N PRO B 84 -27.19 7.02 -4.59
CA PRO B 84 -28.44 7.19 -5.34
C PRO B 84 -28.25 7.40 -6.84
N PHE B 85 -27.02 7.27 -7.33
CA PHE B 85 -26.73 7.51 -8.74
C PHE B 85 -26.35 6.29 -9.56
N ILE B 86 -26.66 5.10 -9.05
CA ILE B 86 -26.32 3.86 -9.74
C ILE B 86 -26.68 3.81 -11.21
N ASN B 87 -27.90 4.24 -11.54
CA ASN B 87 -28.31 4.20 -12.95
C ASN B 87 -27.40 5.07 -13.81
N ALA B 88 -27.05 6.25 -13.33
CA ALA B 88 -26.18 7.15 -14.09
C ALA B 88 -24.79 6.56 -14.23
N ILE B 89 -24.30 5.97 -13.15
CA ILE B 89 -22.98 5.36 -13.10
C ILE B 89 -22.81 4.21 -14.08
N ILE B 90 -23.80 3.33 -14.14
CA ILE B 90 -23.68 2.19 -15.03
C ILE B 90 -23.77 2.54 -16.51
N HIS B 91 -24.30 3.73 -16.81
CA HIS B 91 -24.42 4.19 -18.21
C HIS B 91 -23.29 5.12 -18.60
N LYS B 92 -22.99 6.07 -17.72
CA LYS B 92 -21.98 7.08 -17.98
C LYS B 92 -20.67 6.87 -17.23
N GLY B 93 -20.67 5.96 -16.28
CA GLY B 93 -19.48 5.70 -15.47
C GLY B 93 -19.38 6.69 -14.33
N PHE B 94 -18.42 6.48 -13.43
CA PHE B 94 -18.20 7.38 -12.29
C PHE B 94 -17.69 8.70 -12.86
N ASP B 95 -17.94 9.80 -12.16
CA ASP B 95 -17.51 11.10 -12.67
C ASP B 95 -17.22 12.06 -11.52
N GLU B 96 -15.95 12.37 -11.32
CA GLU B 96 -15.53 13.28 -10.25
C GLU B 96 -16.16 14.65 -10.35
N ARG B 97 -16.65 15.00 -11.53
CA ARG B 97 -17.27 16.31 -11.71
C ARG B 97 -18.55 16.40 -10.87
N HIS B 98 -19.05 15.26 -10.42
CA HIS B 98 -20.23 15.23 -9.57
C HIS B 98 -19.82 15.02 -8.11
N ALA B 99 -18.53 14.92 -7.85
CA ALA B 99 -18.04 14.73 -6.49
C ALA B 99 -17.76 16.12 -5.91
N TYR B 100 -18.15 16.37 -4.67
CA TYR B 100 -17.91 17.64 -4.10
C TYR B 100 -17.18 17.72 -2.80
N ILE B 101 -16.38 18.76 -2.64
CA ILE B 101 -15.62 19.01 -1.42
C ILE B 101 -16.65 19.16 -0.33
N GLY B 102 -16.46 18.40 0.74
CA GLY B 102 -17.38 18.44 1.86
C GLY B 102 -17.40 17.03 2.40
N GLY B 103 -16.81 16.11 1.64
CA GLY B 103 -16.76 14.72 2.05
C GLY B 103 -15.59 14.56 3.01
N MET B 104 -15.55 13.45 3.72
CA MET B 104 -14.46 13.23 4.67
C MET B 104 -13.10 13.39 4.01
N PHE B 105 -12.97 12.89 2.79
CA PHE B 105 -11.70 13.02 2.08
C PHE B 105 -11.79 13.82 0.79
N GLY B 106 -12.74 14.76 0.77
CA GLY B 106 -12.89 15.63 -0.38
C GLY B 106 -13.75 15.23 -1.56
N ALA B 107 -13.47 15.88 -2.70
CA ALA B 107 -14.21 15.68 -3.94
C ALA B 107 -13.79 14.41 -4.72
N GLY B 108 -13.99 13.25 -4.12
CA GLY B 108 -13.65 12.02 -4.79
C GLY B 108 -14.81 11.06 -4.85
N ILE B 109 -14.53 9.83 -5.27
CA ILE B 109 -15.56 8.79 -5.37
C ILE B 109 -15.15 7.75 -4.34
N TYR B 110 -16.04 7.44 -3.41
CA TYR B 110 -15.76 6.52 -2.30
C TYR B 110 -16.26 5.07 -2.46
N PHE B 111 -15.44 4.14 -1.96
CA PHE B 111 -15.72 2.72 -2.01
C PHE B 111 -15.39 2.09 -0.65
N ALA B 112 -15.93 0.91 -0.38
CA ALA B 112 -15.65 0.23 0.87
C ALA B 112 -15.53 -1.26 0.64
N GLU B 113 -14.74 -1.94 1.47
CA GLU B 113 -14.59 -3.38 1.32
C GLU B 113 -15.75 -4.11 1.99
N ASN B 114 -16.50 -3.38 2.82
CA ASN B 114 -17.64 -3.97 3.51
C ASN B 114 -18.94 -3.48 2.88
N SER B 115 -19.73 -4.42 2.38
CA SER B 115 -21.01 -4.10 1.76
C SER B 115 -21.93 -3.35 2.71
N SER B 116 -21.92 -3.71 3.99
CA SER B 116 -22.79 -3.03 4.93
C SER B 116 -22.44 -1.54 5.03
N LYS B 117 -21.17 -1.20 4.82
CA LYS B 117 -20.80 0.21 4.85
C LYS B 117 -21.45 0.93 3.67
N SER B 118 -21.30 0.37 2.47
CA SER B 118 -21.89 0.98 1.28
C SER B 118 -23.41 0.99 1.34
N ASN B 119 -23.99 0.05 2.07
CA ASN B 119 -25.43 0.00 2.21
C ASN B 119 -25.93 1.24 2.95
N GLN B 120 -25.07 1.82 3.79
CA GLN B 120 -25.42 3.03 4.53
C GLN B 120 -25.53 4.26 3.62
N TYR B 121 -25.12 4.13 2.36
CA TYR B 121 -25.13 5.24 1.41
C TYR B 121 -26.09 5.08 0.25
N VAL B 122 -26.75 3.93 0.18
CA VAL B 122 -27.69 3.66 -0.89
C VAL B 122 -28.71 4.79 -1.04
N TYR B 123 -29.27 5.23 0.08
CA TYR B 123 -30.28 6.29 0.04
C TYR B 123 -29.72 7.69 0.27
N GLY B 124 -28.40 7.84 0.16
CA GLY B 124 -27.80 9.14 0.36
C GLY B 124 -26.89 9.18 1.58
N ILE B 125 -26.24 10.32 1.80
CA ILE B 125 -25.33 10.47 2.93
C ILE B 125 -26.14 10.20 4.19
N GLY B 126 -25.60 9.35 5.06
CA GLY B 126 -26.27 9.02 6.29
C GLY B 126 -27.57 8.27 6.10
N GLY B 127 -27.80 7.75 4.90
CA GLY B 127 -29.03 7.01 4.65
C GLY B 127 -30.13 7.85 4.06
N GLY B 128 -29.84 9.14 3.88
CA GLY B 128 -30.85 10.05 3.34
C GLY B 128 -32.09 9.93 4.18
N THR B 129 -33.25 10.09 3.58
CA THR B 129 -34.51 10.00 4.27
C THR B 129 -35.07 8.60 4.09
N GLY B 130 -34.18 7.65 3.81
CA GLY B 130 -34.60 6.27 3.63
C GLY B 130 -35.16 6.00 2.26
N CYS B 131 -35.88 4.89 2.11
CA CYS B 131 -36.46 4.55 0.82
C CYS B 131 -37.45 5.61 0.39
N PRO B 132 -37.56 5.85 -0.92
CA PRO B 132 -38.48 6.84 -1.47
C PRO B 132 -39.93 6.60 -1.06
N THR B 133 -40.40 5.37 -1.22
CA THR B 133 -41.79 5.05 -0.90
C THR B 133 -42.21 5.15 0.56
N HIS B 134 -41.44 4.59 1.47
CA HIS B 134 -41.82 4.63 2.88
C HIS B 134 -40.97 5.52 3.77
N LYS B 135 -40.01 6.23 3.18
CA LYS B 135 -39.15 7.13 3.94
C LYS B 135 -38.53 6.39 5.13
N ASP B 136 -38.23 5.12 4.91
CA ASP B 136 -37.67 4.25 5.95
C ASP B 136 -36.26 3.79 5.60
N ARG B 137 -35.30 4.07 6.48
CA ARG B 137 -33.92 3.68 6.21
C ARG B 137 -33.68 2.19 6.46
N SER B 138 -34.59 1.54 7.18
CA SER B 138 -34.46 0.12 7.44
C SER B 138 -35.56 -0.66 6.72
N CYS B 139 -35.98 -0.15 5.57
CA CYS B 139 -37.03 -0.80 4.79
C CYS B 139 -36.62 -2.18 4.30
N TYR B 140 -37.48 -3.16 4.54
CA TYR B 140 -37.24 -4.54 4.14
C TYR B 140 -38.07 -4.90 2.90
N ILE B 141 -38.85 -3.94 2.43
CA ILE B 141 -39.70 -4.14 1.27
C ILE B 141 -39.02 -3.70 -0.03
N CYS B 142 -38.62 -2.44 -0.07
CA CYS B 142 -37.98 -1.87 -1.25
C CYS B 142 -36.64 -2.50 -1.63
N HIS B 143 -36.42 -2.65 -2.93
CA HIS B 143 -35.18 -3.24 -3.41
C HIS B 143 -34.07 -2.20 -3.50
N ARG B 144 -32.89 -2.59 -3.03
CA ARG B 144 -31.75 -1.70 -3.05
C ARG B 144 -30.78 -2.22 -4.11
N GLN B 145 -29.89 -1.34 -4.56
CA GLN B 145 -28.90 -1.73 -5.54
C GLN B 145 -27.54 -1.18 -5.12
N MET B 146 -26.50 -1.97 -5.36
CA MET B 146 -25.14 -1.50 -5.07
C MET B 146 -24.21 -2.12 -6.10
N LEU B 147 -23.04 -1.51 -6.25
CA LEU B 147 -22.07 -1.96 -7.23
C LEU B 147 -20.82 -2.57 -6.61
N PHE B 148 -20.37 -3.67 -7.19
CA PHE B 148 -19.14 -4.32 -6.76
C PHE B 148 -18.28 -3.94 -7.95
N CYS B 149 -17.33 -3.04 -7.74
CA CYS B 149 -16.51 -2.52 -8.83
C CYS B 149 -15.01 -2.77 -8.78
N ARG B 150 -14.39 -2.62 -9.95
CA ARG B 150 -12.95 -2.75 -10.07
C ARG B 150 -12.46 -1.33 -9.81
N VAL B 151 -11.59 -1.17 -8.83
CA VAL B 151 -11.06 0.13 -8.49
C VAL B 151 -9.54 0.13 -8.63
N THR B 152 -9.04 1.01 -9.50
CA THR B 152 -7.60 1.13 -9.71
C THR B 152 -7.05 2.02 -8.61
N LEU B 153 -6.37 1.42 -7.64
CA LEU B 153 -5.81 2.18 -6.52
C LEU B 153 -4.42 2.75 -6.72
N GLY B 154 -3.60 2.10 -7.55
CA GLY B 154 -2.24 2.58 -7.73
C GLY B 154 -1.58 2.71 -6.38
N LYS B 155 -0.88 3.80 -6.13
CA LYS B 155 -0.27 4.01 -4.83
C LYS B 155 -1.26 4.78 -3.96
N SER B 156 -1.67 4.18 -2.84
CA SER B 156 -2.63 4.82 -1.96
C SER B 156 -2.01 5.64 -0.83
N PHE B 157 -2.54 6.83 -0.63
CA PHE B 157 -2.09 7.72 0.44
C PHE B 157 -2.92 7.37 1.68
N LEU B 158 -2.26 7.12 2.81
CA LEU B 158 -2.97 6.77 4.03
C LEU B 158 -3.25 8.03 4.84
N GLN B 159 -4.53 8.32 5.08
CA GLN B 159 -4.86 9.54 5.82
C GLN B 159 -5.37 9.38 7.23
N PHE B 160 -4.86 10.24 8.10
CA PHE B 160 -5.27 10.26 9.48
C PHE B 160 -6.19 11.45 9.56
N SER B 161 -7.46 11.21 9.85
CA SER B 161 -8.45 12.29 9.97
C SER B 161 -8.87 12.86 8.61
N THR B 162 -9.81 13.81 8.63
CA THR B 162 -10.31 14.40 7.39
C THR B 162 -9.46 15.46 6.70
N MET B 163 -9.28 15.29 5.39
CA MET B 163 -8.53 16.22 4.55
C MET B 163 -9.32 16.39 3.27
N LYS B 164 -10.17 17.42 3.20
CA LYS B 164 -10.96 17.61 2.00
C LYS B 164 -10.02 17.86 0.82
N MET B 165 -9.72 16.80 0.07
CA MET B 165 -8.85 16.94 -1.07
C MET B 165 -9.64 17.08 -2.36
N ALA B 166 -8.99 17.61 -3.38
CA ALA B 166 -9.63 17.78 -4.68
C ALA B 166 -9.08 16.69 -5.58
N HIS B 167 -7.83 16.32 -5.33
CA HIS B 167 -7.15 15.29 -6.12
C HIS B 167 -6.26 14.46 -5.22
N ALA B 168 -5.79 13.33 -5.75
CA ALA B 168 -4.90 12.49 -4.99
C ALA B 168 -3.62 13.27 -4.74
N PRO B 169 -2.91 12.96 -3.63
CA PRO B 169 -1.66 13.68 -3.36
C PRO B 169 -0.64 13.34 -4.44
N PRO B 170 0.38 14.20 -4.62
CA PRO B 170 1.43 13.97 -5.62
C PRO B 170 2.05 12.60 -5.42
N GLY B 171 2.26 11.88 -6.52
CA GLY B 171 2.86 10.56 -6.42
C GLY B 171 1.89 9.46 -6.05
N HIS B 172 0.64 9.82 -5.76
CA HIS B 172 -0.37 8.83 -5.39
C HIS B 172 -1.54 8.79 -6.38
N HIS B 173 -2.36 7.75 -6.28
CA HIS B 173 -3.50 7.59 -7.17
C HIS B 173 -4.81 7.31 -6.45
N SER B 174 -4.77 7.36 -5.13
CA SER B 174 -5.94 7.11 -4.33
C SER B 174 -5.66 7.42 -2.87
N VAL B 175 -6.71 7.41 -2.07
CA VAL B 175 -6.61 7.69 -0.64
C VAL B 175 -7.35 6.61 0.13
N ILE B 176 -6.74 6.14 1.21
CA ILE B 176 -7.31 5.10 2.06
C ILE B 176 -7.54 5.70 3.44
N GLY B 177 -8.77 5.57 3.95
CA GLY B 177 -9.09 6.08 5.28
C GLY B 177 -9.12 4.94 6.26
N ARG B 178 -8.48 5.13 7.42
CA ARG B 178 -8.38 4.10 8.47
C ARG B 178 -8.27 2.68 7.93
N ALA B 187 -12.12 0.86 6.82
CA ALA B 187 -11.31 1.27 5.68
C ALA B 187 -12.22 1.83 4.58
N GLU B 188 -11.88 3.03 4.11
CA GLU B 188 -12.60 3.71 3.03
C GLU B 188 -11.59 3.94 1.92
N TYR B 189 -12.01 3.75 0.67
CA TYR B 189 -11.12 3.97 -0.45
C TYR B 189 -11.68 5.09 -1.33
N VAL B 190 -10.84 6.05 -1.66
CA VAL B 190 -11.28 7.18 -2.49
C VAL B 190 -10.41 7.42 -3.71
N ILE B 191 -11.06 7.67 -4.84
CA ILE B 191 -10.37 7.97 -6.10
C ILE B 191 -10.90 9.32 -6.58
N TYR B 192 -10.05 10.09 -7.24
CA TYR B 192 -10.42 11.42 -7.71
C TYR B 192 -10.58 11.53 -9.23
N ARG B 193 -10.56 10.39 -9.88
CA ARG B 193 -10.76 10.30 -11.32
C ARG B 193 -11.79 9.20 -11.53
N GLY B 194 -12.86 9.53 -12.23
CA GLY B 194 -13.90 8.55 -12.48
C GLY B 194 -13.40 7.33 -13.23
N GLU B 195 -12.49 7.51 -14.19
CA GLU B 195 -11.99 6.37 -14.94
C GLU B 195 -11.19 5.36 -14.14
N GLN B 196 -10.97 5.61 -12.85
CA GLN B 196 -10.24 4.66 -12.03
C GLN B 196 -11.11 3.61 -11.34
N ALA B 197 -12.36 3.47 -11.80
CA ALA B 197 -13.27 2.49 -11.24
C ALA B 197 -14.25 2.06 -12.31
N TYR B 198 -14.49 0.74 -12.40
CA TYR B 198 -15.42 0.18 -13.36
C TYR B 198 -16.56 -0.52 -12.59
N PRO B 199 -17.82 -0.14 -12.85
CA PRO B 199 -18.99 -0.74 -12.18
C PRO B 199 -19.26 -2.13 -12.74
N GLU B 200 -18.42 -3.09 -12.35
CA GLU B 200 -18.52 -4.45 -12.84
C GLU B 200 -19.84 -5.18 -12.62
N TYR B 201 -20.29 -5.22 -11.37
CA TYR B 201 -21.53 -5.90 -11.01
C TYR B 201 -22.59 -5.00 -10.42
N LEU B 202 -23.82 -5.17 -10.89
CA LEU B 202 -24.95 -4.41 -10.36
C LEU B 202 -25.73 -5.42 -9.53
N ILE B 203 -25.79 -5.19 -8.23
CA ILE B 203 -26.48 -6.10 -7.33
C ILE B 203 -27.79 -5.51 -6.82
N THR B 204 -28.86 -6.29 -6.96
CA THR B 204 -30.17 -5.87 -6.49
C THR B 204 -30.42 -6.72 -5.26
N TYR B 205 -30.78 -6.08 -4.15
CA TYR B 205 -30.98 -6.81 -2.92
C TYR B 205 -31.90 -6.08 -1.96
N GLN B 206 -32.25 -6.77 -0.88
CA GLN B 206 -33.06 -6.21 0.19
C GLN B 206 -32.32 -6.60 1.46
N ILE B 207 -32.45 -5.78 2.49
CA ILE B 207 -31.87 -6.15 3.76
C ILE B 207 -32.99 -6.97 4.38
N MET B 208 -32.66 -8.00 5.13
CA MET B 208 -33.65 -8.84 5.77
C MET B 208 -33.72 -8.61 7.27
N LYS B 209 -34.94 -8.62 7.79
CA LYS B 209 -35.13 -8.41 9.23
C LYS B 209 -34.47 -9.55 9.98
N PRO B 210 -33.94 -9.26 11.18
CA PRO B 210 -33.28 -10.32 11.95
C PRO B 210 -34.42 -11.26 12.31
N GLU B 211 -34.11 -12.48 12.73
CA GLU B 211 -35.16 -13.41 13.07
C GLU B 211 -35.11 -13.81 14.54
ZN ZN C . 35.72 7.69 13.09
N4 2D6 D . 17.21 -4.42 12.24
C8 2D6 D . 16.44 -3.48 11.57
O2 2D6 D . 16.09 -3.60 10.39
C9 2D6 D . 15.94 -2.26 12.38
C10 2D6 D . 16.96 -1.29 12.83
S1 2D6 D . 18.32 -0.89 11.55
C11 2D6 D . 17.50 0.15 10.40
N2 2D6 D . 18.08 0.31 9.16
C12 2D6 D . 17.53 1.04 8.13
O3 2D6 D . 18.09 1.18 7.05
N3 2D6 D . 16.32 0.73 10.69
C13 2D6 D . 15.67 1.48 9.76
C14 2D6 D . 16.25 1.69 8.37
C15 2D6 D . 15.53 2.49 7.38
C16 2D6 D . 14.26 3.12 7.75
C17 2D6 D . 13.69 2.93 9.10
C18 2D6 D . 14.41 2.12 10.10
C19 2D6 D . 17.98 -8.06 11.32
C20 2D6 D . 17.19 -6.87 11.77
C21 2D6 D . 17.82 -5.47 11.40
C22 2D6 D . 19.37 -5.44 11.54
C23 2D6 D . 20.06 -6.69 11.05
C24 2D6 D . 19.50 -8.00 11.64
O1 2D6 D . 20.22 -9.16 11.06
C1 2D6 D . 21.31 -9.71 11.88
C2 2D6 D . 21.60 -9.09 13.18
C3 2D6 D . 22.64 -9.62 13.99
C4 2D6 D . 23.36 -10.72 13.50
C5 2D6 D . 23.10 -11.36 12.18
C6 2D6 D . 22.06 -10.85 11.37
C7 2D6 D . 24.34 -11.07 14.51
N1 2D6 D . 25.08 -11.29 15.39
ZN ZN E . -39.61 1.12 1.37
N4 2D6 F . -20.23 10.11 -4.35
C8 2D6 F . -19.52 9.35 -3.44
O2 2D6 F . -18.87 8.32 -3.69
C9 2D6 F . -19.57 9.89 -2.06
C10 2D6 F . -20.83 9.60 -1.30
S1 2D6 F . -21.68 7.87 -1.69
C11 2D6 F . -20.69 6.77 -0.84
N2 2D6 F . -20.78 5.45 -1.19
C12 2D6 F . -20.10 4.42 -0.58
O3 2D6 F . -20.30 3.26 -0.93
N3 2D6 F . -19.85 7.15 0.09
C13 2D6 F . -19.10 6.25 0.79
C14 2D6 F . -19.13 4.75 0.47
C15 2D6 F . -18.26 3.85 1.26
C16 2D6 F . -17.36 4.41 2.30
C17 2D6 F . -17.34 5.86 2.57
C18 2D6 F . -18.19 6.77 1.81
C19 2D6 F . -19.49 10.30 -8.04
C20 2D6 F . -19.44 10.53 -6.55
C21 2D6 F . -20.30 9.56 -5.71
C22 2D6 F . -21.74 9.46 -6.32
C23 2D6 F . -21.80 9.30 -7.82
C24 2D6 F . -20.89 10.31 -8.63
O1 2D6 F . -20.82 9.94 -10.05
C1 2D6 F . -21.87 10.35 -10.91
C2 2D6 F . -23.02 11.09 -10.37
C3 2D6 F . -24.03 11.52 -11.24
C4 2D6 F . -23.88 11.18 -12.65
C5 2D6 F . -22.76 10.43 -13.23
C6 2D6 F . -21.71 9.99 -12.33
C7 2D6 F . -24.89 11.67 -13.57
N1 2D6 F . -25.64 12.08 -14.37
#